data_7SMU
#
_entry.id   7SMU
#
_cell.length_a   50.282
_cell.length_b   50.282
_cell.length_c   135.005
_cell.angle_alpha   90.000
_cell.angle_beta   90.000
_cell.angle_gamma   120.000
#
_symmetry.space_group_name_H-M   'P 65 2 2'
#
loop_
_entity.id
_entity.type
_entity.pdbx_description
1 polymer Consomatin-Ro1
2 non-polymer 3,6,9,12,15,18,21,24,27,30,33,36,39,42,45-pentadecaoxaoctatetracontane-1,48-diol
3 water water
#
_entity_poly.entity_id   1
_entity_poly.type   'polypeptide(L)'
_entity_poly.pdbx_seq_one_letter_code
;(CGU)GYKCV(DTR)KTCM(HYP)A
;
_entity_poly.pdbx_strand_id   D,E,C,B,F,A
#
loop_
_chem_comp.id
_chem_comp.type
_chem_comp.name
_chem_comp.formula
V1J non-polymer 3,6,9,12,15,18,21,24,27,30,33,36,39,42,45-pentadecaoxaoctatetracontane-1,48-diol 'C33 H68 O17'
#
# COMPACT_ATOMS: atom_id res chain seq x y z
N CGU A 1 -4.22 -7.58 -14.70
CA CGU A 1 -4.15 -6.09 -14.79
C CGU A 1 -4.62 -5.49 -13.47
O CGU A 1 -5.75 -5.04 -13.30
CB CGU A 1 -4.96 -5.57 -15.99
CG CGU A 1 -4.09 -5.24 -17.20
CD1 CGU A 1 -3.10 -4.13 -16.79
CD2 CGU A 1 -3.51 -6.53 -17.82
OE11 CGU A 1 -2.23 -4.38 -15.91
OE12 CGU A 1 -3.23 -3.01 -17.33
OE21 CGU A 1 -2.39 -6.91 -17.43
OE22 CGU A 1 -4.20 -7.16 -18.66
H1 CGU A 1 -4.27 -7.94 -15.53
H2 CGU A 1 -5.01 -7.83 -14.20
H3 CGU A 1 -3.44 -7.90 -14.25
HA CGU A 1 -3.20 -5.85 -14.92
HB2 CGU A 1 -5.45 -4.78 -15.71
HB3 CGU A 1 -5.62 -6.26 -16.23
HG CGU A 1 -4.69 -4.84 -17.88
N GLY A 2 -3.69 -5.51 -12.51
CA GLY A 2 -3.86 -4.73 -11.31
C GLY A 2 -4.49 -5.58 -10.21
N TYR A 3 -4.45 -5.01 -9.04
CA TYR A 3 -5.01 -5.61 -7.86
C TYR A 3 -6.03 -4.64 -7.32
N LYS A 4 -6.86 -5.18 -6.46
CA LYS A 4 -7.70 -4.45 -5.52
C LYS A 4 -7.22 -4.86 -4.13
N CYS A 5 -6.95 -3.90 -3.24
CA CYS A 5 -6.26 -4.21 -2.00
C CYS A 5 -6.91 -3.44 -0.86
N VAL A 6 -6.91 -4.08 0.31
CA VAL A 6 -7.15 -3.42 1.58
C VAL A 6 -5.91 -3.65 2.41
N DTR A 7 -5.15 -2.58 2.62
CA DTR A 7 -3.79 -2.79 3.09
CB DTR A 7 -3.06 -1.45 3.33
CG DTR A 7 -1.63 -1.58 3.77
CD1 DTR A 7 -1.12 -1.73 5.02
NE1 DTR A 7 0.26 -1.83 4.95
CE2 DTR A 7 0.64 -1.81 3.63
CZ2 DTR A 7 1.90 -1.86 3.05
CH2 DTR A 7 1.99 -1.71 1.68
CZ3 DTR A 7 0.84 -1.53 0.89
CE3 DTR A 7 -0.42 -1.52 1.48
CD2 DTR A 7 -0.52 -1.63 2.87
C DTR A 7 -3.05 -3.63 2.05
O DTR A 7 -3.05 -3.34 0.84
H DTR A 7 -5.51 -1.66 2.47
HA DTR A 7 -3.82 -3.28 3.94
HB2 DTR A 7 -3.55 -0.96 4.03
HB3 DTR A 7 -3.10 -0.92 2.51
HD1 DTR A 7 -1.61 -1.74 5.82
HE1 DTR A 7 0.80 -1.94 5.63
HZ2 DTR A 7 2.67 -1.95 3.58
HH2 DTR A 7 2.82 -1.77 1.26
HZ3 DTR A 7 0.92 -1.49 -0.04
HE3 DTR A 7 -1.19 -1.39 0.95
N LYS A 8 -2.36 -4.66 2.57
CA LYS A 8 -1.60 -5.54 1.72
C LYS A 8 -2.38 -6.82 1.41
N THR A 9 -3.67 -6.87 1.79
CA THR A 9 -4.55 -7.93 1.36
C THR A 9 -5.08 -7.61 -0.03
N CYS A 10 -4.66 -8.40 -1.04
CA CYS A 10 -4.89 -8.00 -2.42
C CYS A 10 -5.49 -9.14 -3.20
N MET A 11 -6.38 -8.83 -4.13
CA MET A 11 -6.79 -9.87 -5.07
C MET A 11 -6.78 -9.28 -6.48
N HYP A 12 -6.78 -10.13 -7.54
CA HYP A 12 -6.81 -9.63 -8.92
C HYP A 12 -8.05 -8.78 -9.11
O HYP A 12 -9.13 -9.12 -8.62
CB HYP A 12 -6.83 -10.91 -9.78
CG HYP A 12 -6.22 -11.96 -8.86
CD HYP A 12 -6.71 -11.59 -7.46
OD1 HYP A 12 -4.80 -11.89 -8.88
HA HYP A 12 -6.00 -9.10 -9.10
HB2 HYP A 12 -6.29 -10.79 -10.60
HB3 HYP A 12 -7.76 -11.15 -10.03
HG HYP A 12 -6.53 -12.88 -9.10
HD22 HYP A 12 -7.60 -11.97 -7.28
HD23 HYP A 12 -6.08 -11.88 -6.77
HD1 HYP A 12 -4.53 -11.65 -8.10
N ALA A 13 -7.87 -7.61 -9.76
CA ALA A 13 -8.94 -6.63 -9.91
C ALA A 13 -10.01 -7.11 -10.92
N CGU B 1 2.49 -5.78 14.51
CA CGU B 1 2.19 -4.91 13.34
C CGU B 1 2.59 -5.64 12.07
O CGU B 1 3.04 -6.77 12.12
CB CGU B 1 3.00 -3.61 13.46
CG CGU B 1 2.75 -2.69 14.66
CD1 CGU B 1 3.83 -1.60 14.60
CD2 CGU B 1 1.33 -2.07 14.69
OE11 CGU B 1 4.51 -1.40 15.65
OE12 CGU B 1 3.98 -1.00 13.51
OE21 CGU B 1 1.13 -1.12 15.48
OE22 CGU B 1 0.45 -2.54 13.93
H1 CGU B 1 3.36 -5.71 14.74
H2 CGU B 1 2.29 -6.69 14.29
H3 CGU B 1 1.94 -5.51 15.25
HA CGU B 1 1.23 -4.70 13.32
HB2 CGU B 1 2.85 -3.09 12.64
HB3 CGU B 1 3.95 -3.85 13.46
HG CGU B 1 2.87 -3.22 15.48
N GLY B 2 2.42 -5.00 10.90
CA GLY B 2 2.87 -5.62 9.66
C GLY B 2 1.92 -6.71 9.21
N TYR B 3 2.29 -7.47 8.19
CA TYR B 3 1.37 -8.37 7.51
C TYR B 3 2.08 -9.71 7.37
N LYS B 4 1.34 -10.84 7.50
CA LYS B 4 1.84 -12.18 7.24
C LYS B 4 1.42 -12.60 5.85
N CYS B 5 2.32 -13.12 5.02
CA CYS B 5 1.96 -13.59 3.68
C CYS B 5 2.29 -15.07 3.44
N VAL B 6 1.41 -15.77 2.70
CA VAL B 6 1.73 -17.00 1.98
C VAL B 6 1.62 -16.70 0.48
N DTR B 7 2.73 -16.80 -0.28
CA DTR B 7 2.74 -16.30 -1.63
CB DTR B 7 4.02 -16.64 -2.39
CG DTR B 7 3.90 -16.14 -3.80
CD1 DTR B 7 3.13 -16.66 -4.81
NE1 DTR B 7 3.26 -15.91 -5.97
CE2 DTR B 7 4.08 -14.84 -5.69
CZ2 DTR B 7 4.48 -13.79 -6.52
CH2 DTR B 7 5.30 -12.84 -5.95
CZ3 DTR B 7 5.70 -12.90 -4.61
CE3 DTR B 7 5.34 -13.96 -3.80
CD2 DTR B 7 4.50 -14.95 -4.34
C DTR B 7 2.48 -14.78 -1.63
O DTR B 7 3.17 -14.00 -0.96
H DTR B 7 3.56 -17.24 0.10
HA DTR B 7 1.99 -16.74 -2.11
HB2 DTR B 7 4.14 -17.61 -2.38
HB3 DTR B 7 4.78 -16.22 -1.94
HD1 DTR B 7 2.64 -17.46 -4.75
HE1 DTR B 7 2.87 -16.08 -6.73
HZ2 DTR B 7 4.19 -13.73 -7.41
HH2 DTR B 7 5.58 -12.11 -6.47
HZ3 DTR B 7 6.28 -12.24 -4.27
HE3 DTR B 7 5.62 -14.00 -2.89
N LYS B 8 1.51 -14.39 -2.46
CA LYS B 8 1.04 -13.02 -2.64
C LYS B 8 -0.22 -12.68 -1.80
N THR B 9 -0.75 -13.59 -0.99
N THR B 9 -0.70 -13.60 -0.96
CA THR B 9 -1.92 -13.26 -0.20
CA THR B 9 -1.91 -13.37 -0.18
C THR B 9 -1.49 -13.08 1.24
C THR B 9 -1.49 -13.10 1.27
N CYS B 10 -1.91 -11.94 1.82
CA CYS B 10 -1.40 -11.42 3.06
C CYS B 10 -2.56 -11.01 3.97
N MET B 11 -2.39 -11.15 5.30
CA MET B 11 -3.37 -10.70 6.26
C MET B 11 -2.61 -9.96 7.36
N HYP B 12 -3.25 -9.02 8.10
CA HYP B 12 -2.61 -8.35 9.22
C HYP B 12 -2.00 -9.38 10.17
O HYP B 12 -2.60 -10.45 10.42
CB HYP B 12 -3.77 -7.59 9.91
CG HYP B 12 -4.80 -7.37 8.80
CD HYP B 12 -4.64 -8.60 7.91
OD1 HYP B 12 -4.36 -6.26 8.06
HA HYP B 12 -1.91 -7.73 8.88
HB2 HYP B 12 -3.46 -6.73 10.27
HB3 HYP B 12 -4.16 -8.13 10.64
HG HYP B 12 -5.72 -7.26 9.14
HD22 HYP B 12 -5.26 -9.31 8.17
HD23 HYP B 12 -4.81 -8.36 6.96
HD1 HYP B 12 -4.14 -6.49 7.28
N ALA B 13 -0.80 -9.06 10.67
CA ALA B 13 -0.05 -9.93 11.57
C ALA B 13 -0.35 -9.57 13.01
N CGU C 1 -0.33 2.71 -14.89
CA CGU C 1 0.72 2.91 -13.85
C CGU C 1 0.04 3.39 -12.57
O CGU C 1 -0.26 4.58 -12.43
CB CGU C 1 1.76 3.92 -14.38
CG CGU C 1 3.20 3.50 -14.74
CD1 CGU C 1 3.81 2.63 -13.62
CD2 CGU C 1 3.33 2.91 -16.18
OE11 CGU C 1 3.34 2.75 -12.45
OE12 CGU C 1 4.78 1.88 -13.93
OE21 CGU C 1 3.53 3.71 -17.12
OE22 CGU C 1 3.27 1.67 -16.34
H1 CGU C 1 -0.05 3.01 -15.69
H2 CGU C 1 -1.13 3.18 -14.63
H3 CGU C 1 -0.53 1.77 -14.96
HA CGU C 1 1.15 2.04 -13.68
HB2 CGU C 1 1.83 4.63 -13.70
HB3 CGU C 1 1.38 4.35 -15.18
HG CGU C 1 3.72 4.34 -14.75
N GLY C 2 -0.29 2.45 -11.67
CA GLY C 2 -0.45 2.76 -10.26
C GLY C 2 -1.89 2.65 -9.74
N TYR C 3 -2.00 3.04 -8.49
CA TYR C 3 -3.24 2.91 -7.74
C TYR C 3 -3.78 4.26 -7.38
N LYS C 4 -5.09 4.25 -7.18
CA LYS C 4 -5.83 5.29 -6.46
C LYS C 4 -6.28 4.73 -5.12
N CYS C 5 -6.17 5.50 -4.04
CA CYS C 5 -6.40 4.92 -2.72
C CYS C 5 -7.23 5.91 -1.90
N VAL C 6 -8.08 5.37 -1.02
CA VAL C 6 -8.78 6.10 0.03
C VAL C 6 -8.51 5.38 1.33
N DTR C 7 -7.67 6.00 2.15
CA DTR C 7 -7.13 5.31 3.29
CB DTR C 7 -6.21 6.21 4.12
CG DTR C 7 -5.95 5.65 5.49
CD1 DTR C 7 -6.66 5.90 6.63
NE1 DTR C 7 -6.14 5.21 7.69
CE2 DTR C 7 -5.03 4.54 7.28
CZ2 DTR C 7 -4.16 3.73 8.00
CH2 DTR C 7 -3.09 3.19 7.33
CZ3 DTR C 7 -2.90 3.42 5.97
CE3 DTR C 7 -3.80 4.20 5.23
CD2 DTR C 7 -4.88 4.78 5.90
C DTR C 7 -6.45 4.00 2.85
O DTR C 7 -5.52 4.03 2.05
H DTR C 7 -7.41 6.96 1.98
HA DTR C 7 -7.88 5.07 3.86
HB2 DTR C 7 -6.61 7.09 4.21
HB3 DTR C 7 -5.35 6.32 3.66
HD1 DTR C 7 -7.44 6.43 6.67
HE1 DTR C 7 -6.45 5.23 8.51
HZ2 DTR C 7 -4.28 3.60 8.93
HH2 DTR C 7 -2.48 2.64 7.80
HZ3 DTR C 7 -2.17 3.02 5.52
HE3 DTR C 7 -3.65 4.35 4.32
N LYS C 8 -6.90 2.87 3.42
CA LYS C 8 -6.20 1.62 3.26
C LYS C 8 -6.62 0.91 1.97
N THR C 9 -7.69 1.37 1.31
CA THR C 9 -8.25 0.67 0.17
C THR C 9 -7.70 1.22 -1.12
N CYS C 10 -7.07 0.35 -1.95
CA CYS C 10 -6.45 0.80 -3.19
C CYS C 10 -7.00 0.00 -4.38
N MET C 11 -7.23 0.68 -5.49
CA MET C 11 -7.64 0.07 -6.75
C MET C 11 -6.87 0.67 -7.92
N HYP C 12 -6.84 0.03 -9.10
CA HYP C 12 -6.05 0.52 -10.22
C HYP C 12 -6.48 1.94 -10.58
O HYP C 12 -7.65 2.29 -10.53
CB HYP C 12 -6.39 -0.51 -11.34
CG HYP C 12 -6.64 -1.79 -10.54
CD HYP C 12 -7.53 -1.25 -9.40
OD1 HYP C 12 -5.40 -2.27 -10.02
HA HYP C 12 -5.09 0.49 -10.00
HB2 HYP C 12 -5.62 -0.64 -11.96
HB3 HYP C 12 -7.19 -0.25 -11.85
HG HYP C 12 -7.12 -2.48 -11.08
HD22 HYP C 12 -8.45 -1.08 -9.71
HD23 HYP C 12 -7.54 -1.84 -8.63
HD1 HYP C 12 -5.43 -2.15 -9.19
N ALA C 13 -5.48 2.78 -10.90
CA ALA C 13 -5.75 4.17 -11.23
C ALA C 13 -6.37 4.24 -12.62
N CGU D 1 7.63 7.56 -9.58
CA CGU D 1 6.44 8.46 -9.47
C CGU D 1 6.17 8.71 -7.98
O CGU D 1 6.56 9.77 -7.49
CB CGU D 1 5.23 7.85 -10.20
CG CGU D 1 5.53 7.38 -11.62
CD1 CGU D 1 4.52 6.30 -12.07
CD2 CGU D 1 5.58 8.54 -12.66
OE11 CGU D 1 3.37 6.24 -11.52
OE12 CGU D 1 4.91 5.51 -12.96
OE21 CGU D 1 5.66 9.72 -12.23
OE22 CGU D 1 5.57 8.24 -13.88
H1 CGU D 1 7.35 6.69 -9.56
H2 CGU D 1 8.24 7.72 -8.86
H3 CGU D 1 8.08 7.73 -10.41
HA CGU D 1 6.67 9.32 -9.89
HB2 CGU D 1 4.52 8.52 -10.22
HB3 CGU D 1 4.92 7.09 -9.68
HG CGU D 1 6.42 6.96 -11.63
N GLY D 2 5.65 7.70 -7.26
CA GLY D 2 5.14 7.87 -5.90
C GLY D 2 3.73 8.45 -5.92
N TYR D 3 3.26 8.98 -4.79
CA TYR D 3 1.89 9.45 -4.67
C TYR D 3 1.81 10.90 -4.25
N LYS D 4 0.69 11.52 -4.57
CA LYS D 4 0.26 12.77 -3.96
C LYS D 4 -1.09 12.53 -3.29
N CYS D 5 -1.35 13.19 -2.14
CA CYS D 5 -2.53 12.92 -1.39
C CYS D 5 -3.10 14.21 -0.80
N VAL D 6 -4.42 14.19 -0.60
CA VAL D 6 -5.12 15.19 0.16
C VAL D 6 -5.94 14.40 1.15
N DTR D 7 -5.58 14.51 2.44
CA DTR D 7 -6.25 13.72 3.47
CB DTR D 7 -5.73 14.06 4.88
CG DTR D 7 -6.50 13.41 5.98
CD1 DTR D 7 -7.57 13.95 6.68
NE1 DTR D 7 -8.02 13.02 7.58
CE2 DTR D 7 -7.22 11.90 7.53
CZ2 DTR D 7 -7.26 10.72 8.30
CH2 DTR D 7 -6.32 9.75 8.05
CZ3 DTR D 7 -5.34 9.95 7.08
CE3 DTR D 7 -5.30 11.10 6.31
CD2 DTR D 7 -6.23 12.11 6.55
C DTR D 7 -6.05 12.24 3.17
O DTR D 7 -4.90 11.84 2.91
H DTR D 7 -4.85 15.14 2.71
HA DTR D 7 -7.22 13.93 3.44
HB2 DTR D 7 -5.76 15.03 5.00
HB3 DTR D 7 -4.80 13.78 4.94
HD1 DTR D 7 -7.97 14.78 6.50
HE1 DTR D 7 -8.69 13.15 8.13
HZ2 DTR D 7 -7.93 10.60 8.95
HH2 DTR D 7 -6.33 8.95 8.54
HZ3 DTR D 7 -4.71 9.27 6.91
HE3 DTR D 7 -4.63 11.23 5.66
N LYS D 8 -7.16 11.50 3.11
CA LYS D 8 -7.09 10.05 3.00
C LYS D 8 -6.95 9.64 1.53
N THR D 9 -7.15 10.54 0.57
CA THR D 9 -7.14 10.18 -0.85
C THR D 9 -5.77 10.36 -1.48
N CYS D 10 -5.26 9.29 -2.11
CA CYS D 10 -3.95 9.29 -2.70
C CYS D 10 -4.02 8.80 -4.16
N MET D 11 -3.29 9.47 -5.03
CA MET D 11 -3.24 9.13 -6.44
C MET D 11 -1.83 9.32 -6.94
N HYP D 12 -1.48 8.75 -8.13
CA HYP D 12 -0.11 8.78 -8.60
C HYP D 12 0.38 10.19 -8.83
O HYP D 12 -0.40 11.04 -9.24
CB HYP D 12 -0.22 7.98 -9.95
CG HYP D 12 -1.38 7.02 -9.68
CD HYP D 12 -2.36 7.91 -8.95
OD1 HYP D 12 -0.87 5.97 -8.87
HA HYP D 12 0.47 8.29 -7.97
HB2 HYP D 12 0.61 7.50 -10.15
HB3 HYP D 12 -0.45 8.59 -10.71
HG HYP D 12 -1.78 6.67 -10.53
HD22 HYP D 12 -2.88 8.46 -9.58
HD23 HYP D 12 -2.96 7.38 -8.39
HD1 HYP D 12 -1.24 6.02 -8.11
N ALA D 13 1.61 10.42 -8.39
CA ALA D 13 2.34 11.65 -8.62
C ALA D 13 2.99 11.52 -10.00
N CGU E 1 3.43 -21.88 7.46
CA CGU E 1 4.26 -20.63 7.68
C CGU E 1 4.91 -20.20 6.38
O CGU E 1 5.16 -21.01 5.49
CB CGU E 1 5.27 -20.88 8.81
CG CGU E 1 6.41 -21.93 8.68
CD1 CGU E 1 6.58 -22.69 10.02
CD2 CGU E 1 6.28 -22.92 7.51
OE11 CGU E 1 7.67 -22.58 10.62
OE12 CGU E 1 5.62 -23.36 10.43
OE21 CGU E 1 5.15 -23.25 7.12
OE22 CGU E 1 7.35 -23.36 7.00
H1 CGU E 1 3.54 -22.46 8.16
H2 CGU E 1 3.69 -22.31 6.64
H3 CGU E 1 2.51 -21.62 7.40
HA CGU E 1 3.64 -19.92 7.96
HB2 CGU E 1 4.75 -21.13 9.61
HB3 CGU E 1 5.69 -20.03 9.00
HG CGU E 1 7.24 -21.42 8.54
N GLY E 2 5.19 -18.88 6.27
CA GLY E 2 5.56 -18.26 5.01
C GLY E 2 6.56 -17.12 5.26
N TYR E 3 6.12 -15.87 5.09
CA TYR E 3 6.94 -14.71 5.41
C TYR E 3 6.09 -13.61 6.07
N LYS E 4 6.79 -12.68 6.71
CA LYS E 4 6.17 -11.61 7.48
C LYS E 4 6.90 -10.33 7.09
N CYS E 5 6.19 -9.19 7.05
CA CYS E 5 6.73 -7.94 6.55
C CYS E 5 6.28 -6.75 7.37
N VAL E 6 7.15 -5.74 7.42
CA VAL E 6 6.82 -4.45 7.93
C VAL E 6 7.37 -3.50 6.88
N DTR E 7 6.49 -2.79 6.17
CA DTR E 7 6.98 -1.93 5.10
CB DTR E 7 5.88 -0.98 4.65
CG DTR E 7 6.26 -0.19 3.43
CD1 DTR E 7 6.95 0.98 3.41
NE1 DTR E 7 7.10 1.40 2.12
CE2 DTR E 7 6.56 0.47 1.28
CZ2 DTR E 7 6.51 0.43 -0.11
CH2 DTR E 7 5.93 -0.67 -0.69
CZ3 DTR E 7 5.40 -1.72 0.08
CE3 DTR E 7 5.43 -1.66 1.45
CD2 DTR E 7 6.03 -0.56 2.07
C DTR E 7 7.47 -2.75 3.90
O DTR E 7 6.80 -3.64 3.46
H DTR E 7 5.50 -2.85 6.37
HA DTR E 7 7.72 -1.40 5.45
HB2 DTR E 7 5.68 -0.36 5.38
HB3 DTR E 7 5.06 -1.49 4.46
HD1 DTR E 7 7.22 1.48 4.16
HE1 DTR E 7 7.51 2.14 1.88
HZ2 DTR E 7 6.88 1.12 -0.63
HH2 DTR E 7 5.87 -0.72 -1.62
HZ3 DTR E 7 4.98 -2.44 -0.36
HE3 DTR E 7 5.07 -2.36 1.96
N LYS E 8 8.62 -2.37 3.34
CA LYS E 8 9.30 -3.15 2.30
C LYS E 8 10.18 -4.27 2.86
N THR E 9 10.34 -4.39 4.18
CA THR E 9 11.28 -5.36 4.75
C THR E 9 10.53 -6.54 5.34
N CYS E 10 10.88 -7.73 4.88
CA CYS E 10 10.14 -8.95 5.12
C CYS E 10 11.12 -10.07 5.50
N MET E 11 10.63 -11.14 6.16
CA MET E 11 11.40 -12.37 6.32
C MET E 11 10.53 -13.54 6.75
N HYP E 12 11.01 -14.81 6.73
CA HYP E 12 10.19 -15.94 7.21
C HYP E 12 9.54 -15.78 8.57
O HYP E 12 9.98 -14.96 9.38
CB HYP E 12 11.24 -17.06 7.25
CG HYP E 12 12.08 -16.74 6.02
CD HYP E 12 12.29 -15.24 6.15
OD1 HYP E 12 11.35 -17.06 4.84
HA HYP E 12 9.50 -16.15 6.53
HB2 HYP E 12 10.82 -17.95 7.17
HB3 HYP E 12 11.79 -17.02 8.07
HG HYP E 12 12.95 -17.22 6.03
HD22 HYP E 12 13.04 -15.04 6.74
HD23 HYP E 12 12.43 -14.82 5.28
HD1 HYP E 12 11.26 -16.33 4.38
N ALA E 13 8.49 -16.57 8.81
CA ALA E 13 7.58 -16.28 9.91
C ALA E 13 7.42 -17.48 10.85
N CGU F 1 13.19 10.51 -0.83
CA CGU F 1 12.69 9.47 0.10
C CGU F 1 11.49 10.02 0.85
O CGU F 1 11.61 11.08 1.47
CB CGU F 1 13.83 9.08 1.05
CG CGU F 1 14.38 7.65 0.88
CD1 CGU F 1 13.58 6.70 1.80
CD2 CGU F 1 14.43 7.20 -0.60
OE11 CGU F 1 14.15 6.29 2.84
OE12 CGU F 1 12.42 6.37 1.47
OE21 CGU F 1 14.35 8.06 -1.50
OE22 CGU F 1 14.58 5.98 -0.84
H1 CGU F 1 13.96 10.25 -1.21
H2 CGU F 1 13.34 11.34 -0.34
H3 CGU F 1 12.52 10.66 -1.52
HA CGU F 1 12.40 8.69 -0.43
HB2 CGU F 1 13.52 9.19 1.97
HB3 CGU F 1 14.58 9.71 0.91
HG CGU F 1 15.31 7.67 1.21
N GLY F 2 10.35 9.32 0.78
CA GLY F 2 9.18 9.71 1.56
C GLY F 2 8.53 11.02 1.10
N TYR F 3 7.89 11.74 2.05
CA TYR F 3 6.78 12.66 1.75
C TYR F 3 7.02 13.97 2.49
N LYS F 4 6.73 15.08 1.84
CA LYS F 4 6.56 16.32 2.57
C LYS F 4 5.06 16.61 2.59
N CYS F 5 4.57 17.17 3.69
CA CYS F 5 3.17 17.46 3.90
C CYS F 5 3.01 18.81 4.60
N VAL F 6 1.99 19.55 4.21
CA VAL F 6 1.58 20.77 4.85
C VAL F 6 0.08 20.68 4.90
N DTR F 7 -0.45 20.82 6.12
CA DTR F 7 -1.86 20.59 6.34
CB DTR F 7 -2.17 20.70 7.84
CG DTR F 7 -3.65 20.68 8.04
CD1 DTR F 7 -4.53 21.68 7.73
NE1 DTR F 7 -5.80 21.29 8.04
CE2 DTR F 7 -5.79 20.00 8.49
CZ2 DTR F 7 -6.84 19.16 8.87
CH2 DTR F 7 -6.53 17.87 9.23
CZ3 DTR F 7 -5.20 17.42 9.24
CE3 DTR F 7 -4.16 18.25 8.87
CD2 DTR F 7 -4.45 19.57 8.49
C DTR F 7 -2.27 19.22 5.84
O DTR F 7 -1.72 18.23 6.31
H DTR F 7 0.13 21.10 6.89
HA DTR F 7 -2.37 21.29 5.87
HB2 DTR F 7 -1.80 21.52 8.19
HB3 DTR F 7 -1.76 19.93 8.30
HD1 DTR F 7 -4.28 22.55 7.44
HE1 DTR F 7 -6.52 21.79 7.94
HZ2 DTR F 7 -7.73 19.47 8.85
HH2 DTR F 7 -7.23 17.28 9.51
HZ3 DTR F 7 -5.02 16.53 9.51
HE3 DTR F 7 -3.27 17.93 8.88
N LYS F 8 -3.23 19.17 4.88
CA LYS F 8 -3.85 17.90 4.51
C LYS F 8 -3.08 17.30 3.35
N THR F 9 -2.20 18.10 2.76
CA THR F 9 -1.62 17.78 1.46
C THR F 9 -0.22 17.18 1.59
N CYS F 10 0.03 16.03 0.92
CA CYS F 10 1.34 15.41 0.93
C CYS F 10 1.76 15.08 -0.49
N MET F 11 3.04 15.18 -0.79
CA MET F 11 3.53 14.76 -2.11
C MET F 11 5.00 14.36 -1.94
N HYP F 12 5.65 13.76 -2.94
CA HYP F 12 7.00 13.21 -2.73
C HYP F 12 8.02 14.26 -2.37
O HYP F 12 7.91 15.39 -2.84
CB HYP F 12 7.30 12.62 -4.12
CG HYP F 12 5.92 12.19 -4.59
CD HYP F 12 5.09 13.43 -4.25
OD1 HYP F 12 5.51 11.02 -3.88
HA HYP F 12 6.97 12.50 -2.04
HB2 HYP F 12 7.90 11.83 -4.04
HB3 HYP F 12 7.70 13.29 -4.72
HG HYP F 12 5.91 12.03 -5.58
HD22 HYP F 12 5.24 14.15 -4.90
HD23 HYP F 12 4.14 13.22 -4.20
HD1 HYP F 12 4.87 11.23 -3.39
N ALA F 13 8.87 13.99 -1.38
CA ALA F 13 9.94 14.92 -1.06
C ALA F 13 11.01 14.70 -2.13
C7 V1J G . 1.95 10.53 4.14
C12 V1J G . -2.02 6.61 6.58
C13 V1J G . 0.29 6.99 7.35
C14 V1J G . 0.83 8.34 6.76
C15 V1J G . 0.05 7.54 4.59
C16 V1J G . 1.22 6.66 4.07
C19 V1J G . -0.54 5.23 -0.69
C24 V1J G . 1.88 2.94 3.27
C27 V1J G . 1.28 1.95 -0.86
C32 V1J G . 0.64 -4.01 -4.23
C34 V1J G . 0.37 -7.54 -3.47
C17 V1J G . 1.76 6.56 1.72
C18 V1J G . 1.10 6.73 0.33
C23 V1J G . 1.03 1.75 3.68
C25 V1J G . 3.37 2.21 1.51
C26 V1J G . 2.94 3.20 0.42
C28 V1J G . 1.08 1.49 -2.32
C29 V1J G . -0.64 -0.19 -2.31
C10 V1J G . -2.44 9.46 4.26
C11 V1J G . -2.81 7.74 5.87
C20 V1J G . -1.49 4.83 0.43
C21 V1J G . -1.97 3.03 1.93
C22 V1J G . -1.01 1.92 2.36
C30 V1J G . -0.54 -1.35 -3.29
C31 V1J G . 0.57 -3.44 -2.79
C33 V1J G . 0.49 -6.49 -4.58
C35 V1J G . 1.65 -8.58 -1.77
C36 V1J G . 2.73 -9.64 -1.38
C37 V1J G . 4.45 -7.99 -0.71
C38 V1J G . 5.95 -7.82 -0.64
C39 V1J G . 6.36 -6.53 0.08
C8 V1J G . 0.89 10.35 3.06
C9 V1J G . -1.53 9.94 3.14
O10 V1J G . 0.78 5.49 -0.29
O11 V1J G . -1.71 3.45 0.60
O12 V1J G . -0.33 2.16 3.56
O13 V1J G . 3.19 2.59 2.85
O14 V1J G . 2.60 2.48 -0.75
O15 V1J G . -0.19 1.06 -2.79
O16 V1J G . -0.51 -2.57 -2.56
O17 V1J G . 1.16 -5.32 -4.12
O18 V1J G . 1.60 -8.14 -3.10
O19 V1J G . 4.08 -9.24 -1.25
O20 V1J G . 6.36 -5.54 -0.58
O4 V1J G . 2.58 9.54 4.35
O5 V1J G . -0.38 10.63 3.56
O6 V1J G . -2.47 8.08 4.52
O7 V1J G . -1.11 7.06 7.56
O8 V1J G . 0.18 8.62 5.53
O9 V1J G . 0.83 6.25 2.77
H15 V1J G . 2.62 11.33 3.79
H14 V1J G . 1.46 10.88 5.03
H25 V1J G . -2.75 6.03 7.12
H24 V1J G . -1.55 5.94 5.88
H26 V1J G . 0.77 6.84 8.31
H27 V1J G . 0.54 6.17 6.71
H28 V1J G . 1.89 8.26 6.60
H29 V1J G . 0.63 9.15 7.46
H31 V1J G . -0.35 7.95 3.68
H30 V1J G . -0.65 6.83 4.94
H32 V1J G . 1.33 5.80 4.71
H33 V1J G . 2.15 7.22 4.05
H38 V1J G . -0.93 6.13 -1.17
H39 V1J G . -0.53 4.45 -1.44
H48 V1J G . 1.97 3.59 4.12
H49 V1J G . 1.37 3.47 2.48
H55 V1J G . 0.54 2.72 -0.62
H54 V1J G . 1.15 1.11 -0.20
H64 V1J G . 1.31 -3.40 -4.83
H65 V1J G . -0.34 -4.02 -4.67
H69 V1J G . -0.06 -7.07 -2.60
H68 V1J G . -0.31 -8.32 -3.81
H35 V1J G . 2.50 5.78 1.66
H34 V1J G . 2.25 7.50 1.94
H36 V1J G . 1.78 7.27 -0.31
H37 V1J G . 0.20 7.31 0.45
H46 V1J G . 1.24 1.47 4.70
H47 V1J G . 1.22 0.90 3.02
H51 V1J G . 2.86 1.27 1.35
H50 V1J G . 4.43 2.04 1.37
H52 V1J G . 3.75 3.88 0.20
H53 V1J G . 2.07 3.77 0.74
H56 V1J G . 1.78 0.68 -2.49
H57 V1J G . 1.40 2.32 -2.96
H59 V1J G . -1.68 -0.09 -2.03
H58 V1J G . -0.08 -0.45 -1.43
H20 V1J G . -3.45 9.77 4.01
H21 V1J G . -2.14 9.99 5.16
H22 V1J G . -2.69 8.62 6.49
H23 V1J G . -3.85 7.46 5.88
H40 V1J G . -2.45 5.29 0.23
H41 V1J G . -1.10 5.25 1.35
H42 V1J G . -1.87 3.87 2.62
H43 V1J G . -2.99 2.65 1.98
H45 V1J G . -1.57 1.01 2.45
H44 V1J G . -0.28 1.79 1.56
H60 V1J G . 0.36 -1.23 -3.88
H61 V1J G . -1.41 -1.34 -3.95
H63 V1J G . 0.48 -4.27 -2.10
H62 V1J G . 1.48 -2.90 -2.60
H67 V1J G . 1.03 -6.91 -5.42
H66 V1J G . -0.51 -6.22 -4.92
H70 V1J G . 1.77 -7.71 -1.13
H71 V1J G . 0.69 -9.02 -1.53
H73 V1J G . 2.42 -10.09 -0.44
H72 V1J G . 2.69 -10.40 -2.15
H74 V1J G . 4.05 -7.23 -1.37
H75 V1J G . 4.02 -7.90 0.27
H77 V1J G . 6.38 -8.67 -0.13
H76 V1J G . 6.35 -7.78 -1.66
H79 V1J G . 5.67 -6.42 0.92
H78 V1J G . 7.34 -6.71 0.50
H16 V1J G . 0.94 9.33 2.67
H17 V1J G . 1.09 11.03 2.24
H19 V1J G . -1.25 9.10 2.52
H18 V1J G . -2.10 10.63 2.53
#